data_8J6E
#
_entry.id   8J6E
#
_cell.length_a   89.390
_cell.length_b   89.390
_cell.length_c   98.380
_cell.angle_alpha   90.000
_cell.angle_beta   90.000
_cell.angle_gamma   120.000
#
_symmetry.space_group_name_H-M   'P 32 2 1'
#
loop_
_entity.id
_entity.type
_entity.pdbx_description
1 polymer 'Quinone oxidoreductase, putative'
2 water water
#
_entity_poly.entity_id   1
_entity_poly.type   'polypeptide(L)'
_entity_poly.pdbx_seq_one_letter_code
;AGSMEVIATAHGGPEVLAVRPSSHTPDATQLEEGQVLVRNAYAGVNFIDTYFLCGLYKKPAMPYVVGEEGAGAVVKVGAG
VPESMLGKRVAYFGGAGCTGSYAAFTVAPASALREVPDGVTDAEAAAVMCQGLTAHYLVDSSYPCGPGSTVVVHAAAGGT
GLLVCQMAKLRGARVIGICGGAEKATLARSVGRADVVIDYVATPDWAPLARAAAPQGVDAVYDGVGQATFAGSLSVLRPR
GYMITFGNASGAVPPVSPLELSRAGSVYLQRPTLGNFMRTPEEAQRRTSEVFGWVASKQVQLTIGREYPLHEAAQALTDL
QSRKTTGKLLLKCIDD
;
_entity_poly.pdbx_strand_id   A
#
# COMPACT_ATOMS: atom_id res chain seq x y z
N ALA A 1 -27.89 12.41 3.27
CA ALA A 1 -27.34 13.77 3.35
C ALA A 1 -26.58 13.98 4.66
N GLY A 2 -25.37 14.52 4.56
CA GLY A 2 -24.56 14.80 5.72
C GLY A 2 -23.35 13.88 5.83
N SER A 3 -22.71 13.98 6.99
CA SER A 3 -21.45 13.29 7.25
C SER A 3 -21.70 11.80 7.45
N MET A 4 -21.06 10.97 6.63
CA MET A 4 -21.28 9.54 6.70
C MET A 4 -19.98 8.79 6.98
N GLU A 5 -20.13 7.51 7.30
CA GLU A 5 -19.02 6.58 7.40
C GLU A 5 -19.50 5.20 6.98
N VAL A 6 -18.56 4.37 6.54
CA VAL A 6 -18.83 3.03 6.04
C VAL A 6 -18.38 2.03 7.10
N ILE A 7 -19.30 1.16 7.53
CA ILE A 7 -19.00 0.17 8.56
C ILE A 7 -19.11 -1.23 7.96
N ALA A 8 -18.33 -2.14 8.53
CA ALA A 8 -18.52 -3.57 8.30
C ALA A 8 -19.51 -4.08 9.32
N THR A 9 -20.55 -4.80 8.85
CA THR A 9 -21.55 -5.35 9.75
C THR A 9 -21.27 -6.80 10.12
N ALA A 10 -20.33 -7.43 9.45
CA ALA A 10 -19.92 -8.82 9.70
C ALA A 10 -18.66 -9.06 8.89
N HIS A 11 -18.10 -10.25 9.01
CA HIS A 11 -17.00 -10.61 8.15
C HIS A 11 -17.54 -11.10 6.79
N GLY A 12 -16.70 -10.98 5.77
CA GLY A 12 -17.10 -11.41 4.44
C GLY A 12 -16.56 -10.52 3.34
N GLY A 13 -17.28 -10.42 2.24
CA GLY A 13 -16.89 -9.58 1.12
C GLY A 13 -17.65 -8.26 1.16
N PRO A 14 -17.58 -7.50 0.07
CA PRO A 14 -18.17 -6.15 0.06
C PRO A 14 -19.65 -6.09 0.39
N GLU A 15 -20.36 -7.22 0.35
CA GLU A 15 -21.79 -7.22 0.65
C GLU A 15 -22.07 -6.87 2.10
N VAL A 16 -21.10 -7.04 3.00
CA VAL A 16 -21.35 -6.79 4.41
C VAL A 16 -21.24 -5.32 4.80
N LEU A 17 -20.85 -4.45 3.87
CA LEU A 17 -20.68 -3.02 4.18
C LEU A 17 -22.02 -2.29 4.27
N ALA A 18 -22.05 -1.25 5.10
CA ALA A 18 -23.23 -0.40 5.22
C ALA A 18 -22.79 1.02 5.53
N VAL A 19 -23.59 1.99 5.11
CA VAL A 19 -23.32 3.40 5.32
C VAL A 19 -24.21 3.91 6.44
N ARG A 20 -23.66 4.73 7.32
CA ARG A 20 -24.37 5.27 8.46
C ARG A 20 -23.83 6.67 8.74
N PRO A 21 -24.54 7.48 9.53
CA PRO A 21 -24.02 8.82 9.85
C PRO A 21 -22.71 8.70 10.64
N SER A 22 -21.84 9.68 10.41
CA SER A 22 -20.55 9.72 11.06
C SER A 22 -20.72 9.67 12.58
N SER A 23 -19.99 8.78 13.24
CA SER A 23 -20.04 8.68 14.69
C SER A 23 -18.89 9.43 15.35
N HIS A 24 -18.21 10.33 14.63
CA HIS A 24 -17.10 11.09 15.20
C HIS A 24 -17.08 12.51 14.63
N THR A 25 -18.25 13.16 14.61
CA THR A 25 -18.32 14.56 14.21
C THR A 25 -17.61 15.42 15.26
N PRO A 26 -17.10 16.59 14.87
CA PRO A 26 -16.38 17.42 15.86
C PRO A 26 -17.21 17.76 17.08
N ASP A 27 -18.47 18.12 16.90
CA ASP A 27 -19.29 18.54 18.03
C ASP A 27 -19.65 17.39 18.97
N ALA A 28 -19.52 16.14 18.52
CA ALA A 28 -19.86 15.00 19.35
C ALA A 28 -18.64 14.26 19.89
N THR A 29 -17.42 14.75 19.64
CA THR A 29 -16.22 13.96 19.89
C THR A 29 -15.40 14.56 21.03
N GLN A 30 -15.16 13.77 22.07
CA GLN A 30 -14.29 14.17 23.17
C GLN A 30 -12.96 13.44 22.98
N LEU A 31 -11.96 14.18 22.54
CA LEU A 31 -10.65 13.62 22.23
C LEU A 31 -9.89 13.34 23.53
N GLU A 32 -9.28 12.15 23.62
CA GLU A 32 -8.41 11.82 24.72
C GLU A 32 -7.01 12.39 24.48
N GLU A 33 -6.17 12.28 25.50
CA GLU A 33 -4.79 12.75 25.41
C GLU A 33 -4.10 12.13 24.20
N GLY A 34 -3.43 12.97 23.40
CA GLY A 34 -2.71 12.49 22.24
C GLY A 34 -3.53 12.28 20.98
N GLN A 35 -4.85 12.39 21.05
CA GLN A 35 -5.72 12.12 19.91
C GLN A 35 -5.99 13.38 19.10
N VAL A 36 -6.29 13.16 17.82
CA VAL A 36 -6.56 14.21 16.85
C VAL A 36 -7.78 13.78 16.04
N LEU A 37 -8.63 14.75 15.69
CA LEU A 37 -9.76 14.49 14.80
C LEU A 37 -9.44 15.06 13.43
N VAL A 38 -9.54 14.22 12.40
CA VAL A 38 -9.22 14.59 11.03
C VAL A 38 -10.51 14.66 10.24
N ARG A 39 -10.69 15.73 9.48
CA ARG A 39 -11.75 15.79 8.48
C ARG A 39 -11.16 15.24 7.19
N ASN A 40 -11.60 14.04 6.78
CA ASN A 40 -11.01 13.41 5.61
C ASN A 40 -11.47 14.08 4.33
N ALA A 41 -10.52 14.29 3.41
CA ALA A 41 -10.84 14.58 2.03
C ALA A 41 -10.95 13.31 1.20
N TYR A 42 -10.02 12.37 1.39
CA TYR A 42 -10.04 11.09 0.67
C TYR A 42 -9.61 9.96 1.60
N ALA A 43 -10.18 8.80 1.36
CA ALA A 43 -9.69 7.55 1.90
C ALA A 43 -9.07 6.76 0.75
N GLY A 44 -7.96 6.10 1.02
CA GLY A 44 -7.36 5.21 0.05
C GLY A 44 -7.94 3.82 0.20
N VAL A 45 -8.12 3.14 -0.94
CA VAL A 45 -8.63 1.78 -0.97
C VAL A 45 -7.46 0.83 -1.14
N ASN A 46 -7.41 -0.23 -0.33
CA ASN A 46 -6.23 -1.10 -0.30
C ASN A 46 -6.65 -2.55 -0.10
N PHE A 47 -5.78 -3.46 -0.59
CA PHE A 47 -6.02 -4.89 -0.37
C PHE A 47 -6.19 -5.20 1.11
N ILE A 48 -5.40 -4.56 1.98
CA ILE A 48 -5.51 -4.84 3.41
C ILE A 48 -6.92 -4.59 3.92
N ASP A 49 -7.66 -3.64 3.30
CA ASP A 49 -9.06 -3.45 3.67
C ASP A 49 -9.86 -4.74 3.48
N THR A 50 -9.59 -5.48 2.39
CA THR A 50 -10.33 -6.72 2.16
C THR A 50 -9.89 -7.82 3.13
N TYR A 51 -8.63 -7.81 3.57
CA TYR A 51 -8.18 -8.84 4.53
C TYR A 51 -8.81 -8.62 5.90
N PHE A 52 -8.92 -7.37 6.37
CA PHE A 52 -9.69 -7.12 7.58
C PHE A 52 -11.16 -7.48 7.37
N LEU A 53 -11.70 -7.15 6.19
CA LEU A 53 -13.11 -7.38 5.92
C LEU A 53 -13.46 -8.86 5.95
N CYS A 54 -12.59 -9.70 5.37
CA CYS A 54 -12.88 -11.14 5.30
C CYS A 54 -12.54 -11.88 6.58
N GLY A 55 -11.62 -11.36 7.39
CA GLY A 55 -11.25 -11.95 8.66
C GLY A 55 -9.83 -12.47 8.74
N LEU A 56 -9.08 -12.52 7.64
CA LEU A 56 -7.70 -12.96 7.70
C LEU A 56 -6.90 -12.15 8.72
N TYR A 57 -7.14 -10.84 8.76
CA TYR A 57 -6.66 -9.99 9.83
C TYR A 57 -7.84 -9.63 10.73
N LYS A 58 -7.56 -9.33 11.99
CA LYS A 58 -8.60 -9.18 13.02
C LYS A 58 -8.68 -7.74 13.47
N LYS A 59 -9.93 -7.17 13.47
CA LYS A 59 -10.18 -5.86 14.05
C LYS A 59 -10.64 -6.02 15.50
N PRO A 60 -10.42 -5.01 16.34
CA PRO A 60 -10.77 -5.15 17.76
C PRO A 60 -12.26 -5.30 18.02
N ALA A 61 -13.13 -4.83 17.13
CA ALA A 61 -14.56 -4.85 17.38
C ALA A 61 -15.32 -5.03 16.08
N MET A 62 -16.61 -5.33 16.22
CA MET A 62 -17.53 -5.58 15.13
C MET A 62 -18.92 -5.13 15.56
N PRO A 63 -19.52 -4.13 14.90
CA PRO A 63 -19.03 -3.48 13.68
C PRO A 63 -17.79 -2.59 13.88
N TYR A 64 -17.19 -2.17 12.76
CA TYR A 64 -16.08 -1.23 12.78
C TYR A 64 -16.13 -0.39 11.51
N VAL A 65 -15.54 0.80 11.58
CA VAL A 65 -15.49 1.68 10.41
C VAL A 65 -14.35 1.23 9.52
N VAL A 66 -14.65 0.96 8.26
CA VAL A 66 -13.68 0.38 7.35
C VAL A 66 -12.62 1.41 6.97
N GLY A 67 -11.44 0.93 6.62
CA GLY A 67 -10.44 1.72 5.91
C GLY A 67 -9.23 2.03 6.79
N GLU A 68 -8.06 1.91 6.20
CA GLU A 68 -6.80 2.20 6.89
C GLU A 68 -6.25 3.58 6.51
N GLU A 69 -6.27 3.90 5.23
CA GLU A 69 -5.49 5.01 4.68
C GLU A 69 -6.39 6.20 4.37
N GLY A 70 -5.91 7.40 4.70
CA GLY A 70 -6.70 8.58 4.43
C GLY A 70 -5.83 9.81 4.40
N ALA A 71 -6.43 10.89 3.90
CA ALA A 71 -5.80 12.20 3.87
C ALA A 71 -6.87 13.25 4.14
N GLY A 72 -6.52 14.27 4.91
CA GLY A 72 -7.48 15.32 5.23
C GLY A 72 -6.83 16.45 5.99
N ALA A 73 -7.59 17.12 6.83
CA ALA A 73 -7.08 18.25 7.61
C ALA A 73 -7.46 18.07 9.07
N VAL A 74 -6.60 18.56 9.95
CA VAL A 74 -6.85 18.46 11.39
C VAL A 74 -7.91 19.51 11.77
N VAL A 75 -8.97 19.06 12.44
CA VAL A 75 -10.02 19.98 12.89
C VAL A 75 -10.18 20.01 14.40
N LYS A 76 -9.58 19.09 15.15
CA LYS A 76 -9.69 19.14 16.61
C LYS A 76 -8.53 18.34 17.20
N VAL A 77 -7.97 18.82 18.32
CA VAL A 77 -6.83 18.17 18.96
C VAL A 77 -7.13 17.93 20.44
N GLY A 78 -6.61 16.83 20.96
CA GLY A 78 -6.75 16.50 22.36
C GLY A 78 -5.61 17.07 23.17
N ALA A 79 -5.60 16.71 24.46
CA ALA A 79 -4.56 17.20 25.35
C ALA A 79 -3.19 16.73 24.89
N GLY A 80 -2.19 17.59 25.06
CA GLY A 80 -0.83 17.23 24.70
C GLY A 80 -0.53 17.33 23.23
N VAL A 81 -1.45 17.83 22.42
CA VAL A 81 -1.26 18.02 20.99
C VAL A 81 -1.26 19.51 20.71
N PRO A 82 -0.26 20.05 20.03
CA PRO A 82 -0.18 21.51 19.89
C PRO A 82 -1.29 22.09 19.02
N GLU A 83 -1.75 23.28 19.41
CA GLU A 83 -2.79 23.98 18.67
C GLU A 83 -2.35 24.36 17.27
N SER A 84 -1.04 24.50 17.05
CA SER A 84 -0.53 24.76 15.72
C SER A 84 -0.87 23.66 14.73
N MET A 85 -1.27 22.48 15.22
CA MET A 85 -1.66 21.42 14.31
C MET A 85 -3.02 21.65 13.67
N LEU A 86 -3.88 22.44 14.32
CA LEU A 86 -5.22 22.71 13.79
C LEU A 86 -5.17 23.27 12.38
N GLY A 87 -5.97 22.71 11.48
CA GLY A 87 -5.98 23.14 10.10
C GLY A 87 -4.86 22.60 9.24
N LYS A 88 -3.91 21.85 9.79
CA LYS A 88 -2.83 21.32 8.97
C LYS A 88 -3.33 20.14 8.14
N ARG A 89 -2.82 20.05 6.91
CA ARG A 89 -3.11 18.93 6.04
C ARG A 89 -2.24 17.73 6.44
N VAL A 90 -2.89 16.59 6.69
CA VAL A 90 -2.23 15.39 7.22
C VAL A 90 -2.71 14.17 6.43
N ALA A 91 -1.87 13.13 6.40
CA ALA A 91 -2.26 11.84 5.87
C ALA A 91 -1.77 10.75 6.81
N TYR A 92 -2.37 9.56 6.68
CA TYR A 92 -2.08 8.48 7.61
C TYR A 92 -2.31 7.16 6.93
N PHE A 93 -1.63 6.11 7.42
CA PHE A 93 -1.81 4.78 6.87
C PHE A 93 -2.55 3.84 7.82
N GLY A 94 -2.92 4.31 9.01
CA GLY A 94 -3.77 3.53 9.89
C GLY A 94 -2.98 2.78 10.96
N GLY A 95 -3.71 1.94 11.69
CA GLY A 95 -3.14 1.16 12.77
C GLY A 95 -3.98 1.29 14.02
N ALA A 96 -3.49 0.71 15.12
CA ALA A 96 -4.21 0.81 16.37
C ALA A 96 -4.32 2.28 16.82
N GLY A 97 -5.43 2.62 17.46
CA GLY A 97 -5.68 4.00 17.81
C GLY A 97 -6.29 4.83 16.71
N CYS A 98 -6.30 4.35 15.47
CA CYS A 98 -6.98 5.04 14.38
C CYS A 98 -8.34 4.42 14.13
N THR A 99 -9.37 5.25 14.04
CA THR A 99 -10.63 4.75 13.49
C THR A 99 -10.54 4.67 11.96
N GLY A 100 -11.57 4.10 11.34
CA GLY A 100 -11.51 3.84 9.92
C GLY A 100 -11.52 5.11 9.08
N SER A 101 -10.86 5.03 7.93
CA SER A 101 -10.76 6.17 7.03
C SER A 101 -11.94 6.30 6.07
N TYR A 102 -12.76 5.26 5.89
CA TYR A 102 -13.93 5.38 5.00
C TYR A 102 -15.00 6.17 5.75
N ALA A 103 -14.75 7.48 5.90
CA ALA A 103 -15.53 8.25 6.85
C ALA A 103 -15.25 9.73 6.64
N ALA A 104 -16.25 10.55 6.99
CA ALA A 104 -16.06 12.00 6.98
C ALA A 104 -14.99 12.41 7.98
N PHE A 105 -14.96 11.76 9.14
CA PHE A 105 -14.09 12.13 10.25
C PHE A 105 -13.43 10.88 10.82
N THR A 106 -12.14 11.00 11.14
CA THR A 106 -11.34 9.90 11.67
C THR A 106 -10.60 10.40 12.91
N VAL A 107 -10.61 9.61 13.97
CA VAL A 107 -9.78 9.87 15.14
C VAL A 107 -8.47 9.11 14.95
N ALA A 108 -7.35 9.80 15.18
CA ALA A 108 -6.04 9.17 15.06
C ALA A 108 -5.11 9.71 16.13
N PRO A 109 -4.12 8.93 16.55
CA PRO A 109 -3.04 9.49 17.38
C PRO A 109 -2.27 10.53 16.59
N ALA A 110 -1.91 11.62 17.28
CA ALA A 110 -1.08 12.63 16.64
C ALA A 110 0.17 12.02 16.01
N SER A 111 0.74 10.99 16.66
CA SER A 111 1.98 10.38 16.16
C SER A 111 1.78 9.63 14.85
N ALA A 112 0.53 9.25 14.52
CA ALA A 112 0.25 8.55 13.26
C ALA A 112 0.07 9.49 12.08
N LEU A 113 0.01 10.79 12.30
CA LEU A 113 -0.30 11.76 11.25
C LEU A 113 0.98 12.29 10.62
N ARG A 114 1.07 12.24 9.29
CA ARG A 114 2.18 12.83 8.57
C ARG A 114 1.71 14.10 7.88
N GLU A 115 2.48 15.17 8.00
CA GLU A 115 2.12 16.44 7.39
C GLU A 115 2.31 16.38 5.87
N VAL A 116 1.31 16.85 5.13
CA VAL A 116 1.34 16.86 3.67
C VAL A 116 1.87 18.19 3.20
N PRO A 117 2.90 18.22 2.35
CA PRO A 117 3.46 19.49 1.90
C PRO A 117 2.55 20.19 0.91
N ASP A 118 2.78 21.50 0.76
CA ASP A 118 1.91 22.32 -0.07
C ASP A 118 1.91 21.85 -1.52
N GLY A 119 3.00 21.24 -1.98
CA GLY A 119 3.09 20.84 -3.36
C GLY A 119 2.49 19.50 -3.69
N VAL A 120 1.75 18.88 -2.76
CA VAL A 120 1.15 17.56 -2.95
C VAL A 120 -0.33 17.68 -2.66
N THR A 121 -1.16 17.17 -3.56
CA THR A 121 -2.60 17.33 -3.38
C THR A 121 -3.12 16.33 -2.36
N ASP A 122 -4.35 16.55 -1.90
CA ASP A 122 -4.97 15.61 -0.96
C ASP A 122 -5.11 14.23 -1.58
N ALA A 123 -5.44 14.18 -2.87
CA ALA A 123 -5.63 12.88 -3.51
C ALA A 123 -4.30 12.16 -3.68
N GLU A 124 -3.24 12.90 -4.02
CA GLU A 124 -1.93 12.29 -4.11
C GLU A 124 -1.47 11.76 -2.77
N ALA A 125 -1.74 12.50 -1.69
CA ALA A 125 -1.35 12.04 -0.35
C ALA A 125 -2.07 10.73 -0.01
N ALA A 126 -3.36 10.64 -0.30
CA ALA A 126 -4.09 9.41 0.00
C ALA A 126 -3.71 8.27 -0.93
N ALA A 127 -3.00 8.56 -2.03
CA ALA A 127 -2.51 7.52 -2.92
C ALA A 127 -1.16 6.94 -2.50
N VAL A 128 -0.38 7.66 -1.71
CA VAL A 128 0.99 7.22 -1.42
C VAL A 128 1.17 6.65 -0.01
N MET A 129 0.31 6.98 0.96
CA MET A 129 0.58 6.59 2.35
C MET A 129 0.82 5.08 2.49
N CYS A 130 -0.03 4.27 1.88
CA CYS A 130 0.15 2.83 2.00
CA CYS A 130 0.14 2.82 1.99
C CYS A 130 1.05 2.27 0.90
N GLN A 131 0.65 2.44 -0.36
CA GLN A 131 1.39 1.83 -1.47
C GLN A 131 2.74 2.51 -1.71
N GLY A 132 2.78 3.84 -1.57
CA GLY A 132 4.03 4.55 -1.82
C GLY A 132 5.06 4.34 -0.74
N LEU A 133 4.64 4.37 0.53
CA LEU A 133 5.57 4.12 1.62
C LEU A 133 5.99 2.65 1.66
N THR A 134 5.09 1.74 1.26
CA THR A 134 5.50 0.34 1.16
C THR A 134 6.55 0.16 0.09
N ALA A 135 6.30 0.72 -1.11
CA ALA A 135 7.32 0.68 -2.16
C ALA A 135 8.63 1.29 -1.67
N HIS A 136 8.54 2.38 -0.93
CA HIS A 136 9.77 2.99 -0.40
C HIS A 136 10.55 2.00 0.48
N TYR A 137 9.90 1.41 1.48
CA TYR A 137 10.70 0.60 2.40
C TYR A 137 11.15 -0.70 1.72
N LEU A 138 10.39 -1.16 0.73
CA LEU A 138 10.80 -2.35 0.00
C LEU A 138 12.15 -2.15 -0.68
N VAL A 139 12.31 -1.03 -1.39
CA VAL A 139 13.54 -0.79 -2.13
C VAL A 139 14.60 -0.08 -1.30
N ASP A 140 14.23 0.46 -0.15
CA ASP A 140 15.16 1.16 0.72
C ASP A 140 15.70 0.27 1.83
N SER A 141 14.89 -0.66 2.33
CA SER A 141 15.20 -1.41 3.55
C SER A 141 15.08 -2.91 3.39
N SER A 142 13.94 -3.39 2.88
CA SER A 142 13.73 -4.83 2.78
C SER A 142 14.84 -5.49 1.98
N TYR A 143 15.14 -4.94 0.81
CA TYR A 143 16.38 -5.21 0.11
C TYR A 143 16.87 -3.86 -0.41
N PRO A 144 18.00 -3.36 0.06
CA PRO A 144 18.40 -1.99 -0.32
C PRO A 144 18.90 -1.94 -1.75
N CYS A 145 18.04 -1.50 -2.66
CA CYS A 145 18.36 -1.40 -4.08
C CYS A 145 19.52 -0.45 -4.30
N GLY A 146 20.44 -0.83 -5.18
CA GLY A 146 21.53 0.03 -5.59
C GLY A 146 21.89 -0.18 -7.05
N PRO A 147 22.88 0.57 -7.54
CA PRO A 147 23.31 0.38 -8.94
C PRO A 147 23.74 -1.03 -9.28
N GLY A 148 24.21 -1.81 -8.31
CA GLY A 148 24.56 -3.18 -8.60
C GLY A 148 23.43 -4.19 -8.56
N SER A 149 22.21 -3.78 -8.26
CA SER A 149 21.12 -4.71 -7.99
C SER A 149 20.32 -5.07 -9.24
N THR A 150 19.81 -6.30 -9.27
CA THR A 150 18.75 -6.72 -10.18
C THR A 150 17.60 -7.27 -9.35
N VAL A 151 16.38 -6.75 -9.54
CA VAL A 151 15.25 -7.20 -8.75
C VAL A 151 14.09 -7.58 -9.67
N VAL A 152 13.28 -8.52 -9.20
CA VAL A 152 12.04 -8.94 -9.83
C VAL A 152 10.88 -8.39 -9.03
N VAL A 153 9.89 -7.82 -9.73
CA VAL A 153 8.70 -7.22 -9.12
C VAL A 153 7.48 -7.93 -9.69
N HIS A 154 6.73 -8.63 -8.83
CA HIS A 154 5.45 -9.21 -9.24
C HIS A 154 4.34 -8.17 -9.29
N ALA A 155 3.30 -8.49 -10.05
CA ALA A 155 2.17 -7.58 -10.26
C ALA A 155 2.69 -6.17 -10.57
N ALA A 156 3.63 -6.11 -11.50
CA ALA A 156 4.38 -4.88 -11.75
C ALA A 156 3.51 -3.76 -12.29
N ALA A 157 2.30 -4.06 -12.79
CA ALA A 157 1.38 -3.03 -13.25
C ALA A 157 0.36 -2.62 -12.19
N GLY A 158 0.35 -3.28 -11.03
CA GLY A 158 -0.54 -2.92 -9.94
C GLY A 158 -0.08 -1.67 -9.21
N GLY A 159 -0.88 -1.28 -8.21
CA GLY A 159 -0.62 -0.07 -7.45
C GLY A 159 0.75 -0.01 -6.81
N THR A 160 1.05 -0.96 -5.93
CA THR A 160 2.37 -0.99 -5.31
C THR A 160 3.45 -1.36 -6.31
N GLY A 161 3.16 -2.32 -7.21
CA GLY A 161 4.17 -2.79 -8.15
C GLY A 161 4.74 -1.69 -9.03
N LEU A 162 3.88 -0.82 -9.56
CA LEU A 162 4.36 0.29 -10.39
C LEU A 162 5.27 1.21 -9.61
N LEU A 163 4.99 1.41 -8.32
CA LEU A 163 5.81 2.31 -7.52
C LEU A 163 7.13 1.64 -7.14
N VAL A 164 7.09 0.34 -6.82
CA VAL A 164 8.33 -0.40 -6.57
C VAL A 164 9.25 -0.32 -7.80
N CYS A 165 8.70 -0.60 -8.98
CA CYS A 165 9.50 -0.50 -10.22
C CYS A 165 10.18 0.86 -10.33
N GLN A 166 9.41 1.94 -10.17
CA GLN A 166 9.97 3.28 -10.35
C GLN A 166 10.99 3.62 -9.27
N MET A 167 10.72 3.26 -8.02
CA MET A 167 11.65 3.65 -6.96
C MET A 167 12.92 2.81 -7.00
N ALA A 168 12.81 1.53 -7.36
CA ALA A 168 14.02 0.74 -7.58
C ALA A 168 14.86 1.33 -8.71
N LYS A 169 14.22 1.81 -9.79
CA LYS A 169 14.97 2.47 -10.86
C LYS A 169 15.65 3.73 -10.35
N LEU A 170 14.94 4.53 -9.56
CA LEU A 170 15.54 5.74 -8.99
C LEU A 170 16.72 5.42 -8.10
N ARG A 171 16.69 4.26 -7.43
CA ARG A 171 17.84 3.81 -6.65
C ARG A 171 18.97 3.26 -7.52
N GLY A 172 18.73 3.08 -8.82
CA GLY A 172 19.76 2.62 -9.74
C GLY A 172 19.70 1.15 -10.09
N ALA A 173 18.70 0.42 -9.60
CA ALA A 173 18.65 -1.01 -9.84
C ALA A 173 18.14 -1.31 -11.23
N ARG A 174 18.42 -2.52 -11.70
CA ARG A 174 17.76 -3.09 -12.85
C ARG A 174 16.50 -3.82 -12.40
N VAL A 175 15.40 -3.62 -13.13
CA VAL A 175 14.07 -4.03 -12.69
C VAL A 175 13.46 -4.96 -13.73
N ILE A 176 13.05 -6.14 -13.30
CA ILE A 176 12.36 -7.13 -14.12
C ILE A 176 10.93 -7.23 -13.60
N GLY A 177 9.97 -6.69 -14.34
CA GLY A 177 8.57 -6.77 -13.93
C GLY A 177 7.90 -8.03 -14.48
N ILE A 178 7.02 -8.60 -13.67
CA ILE A 178 6.17 -9.70 -14.10
C ILE A 178 4.71 -9.26 -13.96
N CYS A 179 3.90 -9.47 -15.00
CA CYS A 179 2.48 -9.17 -14.86
C CYS A 179 1.68 -9.92 -15.92
N GLY A 180 0.36 -9.78 -15.86
CA GLY A 180 -0.54 -10.59 -16.66
C GLY A 180 -1.31 -9.85 -17.73
N GLY A 181 -0.96 -10.10 -18.98
CA GLY A 181 -1.65 -9.50 -20.10
C GLY A 181 -0.82 -8.41 -20.77
N ALA A 182 -1.14 -8.16 -22.05
CA ALA A 182 -0.32 -7.26 -22.84
C ALA A 182 -0.46 -5.81 -22.41
N GLU A 183 -1.64 -5.41 -21.94
CA GLU A 183 -1.84 -4.02 -21.55
C GLU A 183 -1.15 -3.72 -20.22
N LYS A 184 -1.21 -4.66 -19.28
CA LYS A 184 -0.45 -4.49 -18.04
C LYS A 184 1.04 -4.40 -18.33
N ALA A 185 1.55 -5.25 -19.23
CA ALA A 185 2.97 -5.21 -19.57
C ALA A 185 3.36 -3.86 -20.14
N THR A 186 2.55 -3.31 -21.05
CA THR A 186 2.80 -1.95 -21.56
C THR A 186 2.84 -0.93 -20.43
N LEU A 187 1.92 -1.05 -19.47
CA LEU A 187 1.89 -0.14 -18.33
C LEU A 187 3.16 -0.26 -17.49
N ALA A 188 3.54 -1.49 -17.14
CA ALA A 188 4.76 -1.69 -16.36
C ALA A 188 5.99 -1.19 -17.09
N ARG A 189 6.01 -1.27 -18.42
CA ARG A 189 7.15 -0.73 -19.16
C ARG A 189 7.14 0.79 -19.21
N SER A 190 5.97 1.40 -19.46
CA SER A 190 6.00 2.83 -19.70
C SER A 190 5.90 3.65 -18.42
N VAL A 191 5.01 3.28 -17.51
CA VAL A 191 4.88 4.00 -16.24
C VAL A 191 5.84 3.44 -15.19
N GLY A 192 5.91 2.11 -15.07
CA GLY A 192 6.83 1.49 -14.13
C GLY A 192 8.30 1.67 -14.48
N ARG A 193 8.60 1.90 -15.76
CA ARG A 193 9.97 2.06 -16.26
C ARG A 193 10.84 0.82 -16.01
N ALA A 194 10.20 -0.35 -15.94
CA ALA A 194 10.93 -1.61 -15.80
C ALA A 194 11.83 -1.85 -17.00
N ASP A 195 13.01 -2.46 -16.74
CA ASP A 195 13.93 -2.76 -17.82
C ASP A 195 13.41 -3.89 -18.70
N VAL A 196 12.83 -4.90 -18.09
CA VAL A 196 12.31 -6.09 -18.75
C VAL A 196 10.95 -6.35 -18.14
N VAL A 197 9.98 -6.72 -18.96
CA VAL A 197 8.67 -7.11 -18.46
C VAL A 197 8.32 -8.46 -19.06
N ILE A 198 8.03 -9.44 -18.21
CA ILE A 198 7.57 -10.74 -18.63
C ILE A 198 6.07 -10.80 -18.44
N ASP A 199 5.36 -11.16 -19.51
CA ASP A 199 3.90 -11.26 -19.52
C ASP A 199 3.57 -12.74 -19.37
N TYR A 200 3.05 -13.14 -18.21
CA TYR A 200 2.91 -14.56 -17.97
C TYR A 200 1.70 -15.17 -18.67
N VAL A 201 0.86 -14.36 -19.31
CA VAL A 201 -0.15 -14.90 -20.22
C VAL A 201 0.51 -15.32 -21.53
N ALA A 202 1.42 -14.48 -22.04
CA ALA A 202 2.19 -14.85 -23.23
C ALA A 202 3.20 -15.96 -22.92
N THR A 203 3.88 -15.88 -21.79
CA THR A 203 4.93 -16.83 -21.43
C THR A 203 4.69 -17.35 -20.02
N PRO A 204 3.88 -18.40 -19.86
CA PRO A 204 3.50 -18.83 -18.50
C PRO A 204 4.67 -19.29 -17.65
N ASP A 205 5.76 -19.75 -18.26
CA ASP A 205 6.96 -20.19 -17.53
C ASP A 205 7.87 -18.99 -17.27
N TRP A 206 7.40 -18.12 -16.36
CA TRP A 206 8.09 -16.84 -16.19
C TRP A 206 9.40 -16.98 -15.42
N ALA A 207 9.52 -17.99 -14.57
CA ALA A 207 10.73 -18.13 -13.76
C ALA A 207 11.99 -18.36 -14.60
N PRO A 208 12.05 -19.34 -15.51
CA PRO A 208 13.27 -19.44 -16.35
C PRO A 208 13.53 -18.20 -17.17
N LEU A 209 12.48 -17.48 -17.59
CA LEU A 209 12.71 -16.28 -18.39
C LEU A 209 13.35 -15.17 -17.56
N ALA A 210 12.90 -14.99 -16.31
CA ALA A 210 13.54 -14.02 -15.43
C ALA A 210 15.01 -14.35 -15.23
N ARG A 211 15.32 -15.63 -14.97
CA ARG A 211 16.70 -16.05 -14.76
C ARG A 211 17.54 -15.82 -16.00
N ALA A 212 17.01 -16.16 -17.18
CA ALA A 212 17.77 -15.94 -18.41
C ALA A 212 18.02 -14.45 -18.66
N ALA A 213 17.08 -13.59 -18.30
CA ALA A 213 17.28 -12.16 -18.49
C ALA A 213 18.36 -11.58 -17.57
N ALA A 214 18.64 -12.26 -16.45
CA ALA A 214 19.55 -11.75 -15.42
C ALA A 214 20.69 -12.75 -15.21
N PRO A 215 21.63 -12.83 -16.15
CA PRO A 215 22.73 -13.80 -15.98
C PRO A 215 23.60 -13.48 -14.78
N GLN A 216 23.65 -12.22 -14.37
CA GLN A 216 24.34 -11.86 -13.15
C GLN A 216 23.61 -12.34 -11.89
N GLY A 217 22.36 -12.75 -12.02
CA GLY A 217 21.58 -13.26 -10.91
C GLY A 217 20.57 -12.24 -10.40
N VAL A 218 19.47 -12.75 -9.85
CA VAL A 218 18.41 -11.92 -9.29
C VAL A 218 18.66 -11.79 -7.79
N ASP A 219 18.87 -10.56 -7.32
CA ASP A 219 19.21 -10.34 -5.92
C ASP A 219 18.01 -10.40 -4.99
N ALA A 220 16.84 -9.95 -5.44
CA ALA A 220 15.66 -9.90 -4.60
C ALA A 220 14.42 -10.07 -5.47
N VAL A 221 13.38 -10.65 -4.88
CA VAL A 221 12.06 -10.69 -5.47
C VAL A 221 11.10 -9.95 -4.55
N TYR A 222 10.42 -8.94 -5.08
CA TYR A 222 9.34 -8.25 -4.38
C TYR A 222 8.03 -8.87 -4.85
N ASP A 223 7.37 -9.60 -3.98
CA ASP A 223 6.25 -10.45 -4.37
C ASP A 223 5.06 -10.13 -3.48
N GLY A 224 4.14 -9.33 -3.98
CA GLY A 224 2.92 -9.06 -3.24
C GLY A 224 1.78 -10.01 -3.53
N VAL A 225 2.04 -11.07 -4.31
CA VAL A 225 0.96 -11.89 -4.83
C VAL A 225 0.62 -13.05 -3.88
N GLY A 226 1.56 -13.51 -3.07
CA GLY A 226 1.23 -14.53 -2.10
C GLY A 226 1.46 -15.96 -2.57
N GLN A 227 0.53 -16.86 -2.25
CA GLN A 227 0.81 -18.29 -2.39
C GLN A 227 1.04 -18.72 -3.84
N ALA A 228 0.41 -18.07 -4.82
CA ALA A 228 0.44 -18.62 -6.17
C ALA A 228 1.82 -18.48 -6.81
N THR A 229 2.59 -17.46 -6.42
CA THR A 229 3.90 -17.22 -7.03
C THR A 229 5.06 -17.65 -6.15
N PHE A 230 4.81 -18.15 -4.94
CA PHE A 230 5.87 -18.27 -3.94
C PHE A 230 6.99 -19.19 -4.42
N ALA A 231 6.64 -20.39 -4.91
CA ALA A 231 7.67 -21.35 -5.28
C ALA A 231 8.45 -20.88 -6.52
N GLY A 232 7.75 -20.31 -7.49
CA GLY A 232 8.43 -19.74 -8.64
C GLY A 232 9.36 -18.60 -8.26
N SER A 233 8.93 -17.76 -7.33
CA SER A 233 9.79 -16.66 -6.88
C SER A 233 11.07 -17.18 -6.26
N LEU A 234 10.96 -18.19 -5.40
CA LEU A 234 12.18 -18.75 -4.80
C LEU A 234 13.11 -19.27 -5.88
N SER A 235 12.56 -19.83 -6.94
CA SER A 235 13.42 -20.47 -7.93
C SER A 235 14.18 -19.47 -8.79
N VAL A 236 13.81 -18.19 -8.79
CA VAL A 236 14.56 -17.24 -9.63
C VAL A 236 15.71 -16.57 -8.90
N LEU A 237 15.76 -16.68 -7.57
CA LEU A 237 16.80 -16.00 -6.77
C LEU A 237 18.17 -16.63 -6.96
N ARG A 238 19.20 -15.78 -7.01
CA ARG A 238 20.55 -16.27 -6.83
C ARG A 238 20.73 -16.78 -5.39
N PRO A 239 21.73 -17.64 -5.15
CA PRO A 239 22.00 -18.08 -3.78
C PRO A 239 22.19 -16.89 -2.85
N ARG A 240 21.57 -16.96 -1.68
CA ARG A 240 21.56 -15.91 -0.66
C ARG A 240 20.84 -14.65 -1.12
N GLY A 241 20.02 -14.74 -2.18
CA GLY A 241 19.13 -13.65 -2.55
C GLY A 241 17.98 -13.49 -1.56
N TYR A 242 17.13 -12.49 -1.81
CA TYR A 242 16.10 -12.09 -0.86
C TYR A 242 14.70 -12.33 -1.43
N MET A 243 13.92 -13.16 -0.74
CA MET A 243 12.50 -13.33 -1.03
C MET A 243 11.68 -12.40 -0.12
N ILE A 244 11.07 -11.37 -0.68
CA ILE A 244 10.30 -10.40 0.10
C ILE A 244 8.83 -10.61 -0.24
N THR A 245 8.10 -11.34 0.62
CA THR A 245 6.68 -11.58 0.41
C THR A 245 5.89 -10.59 1.26
N PHE A 246 5.27 -9.61 0.62
CA PHE A 246 4.69 -8.48 1.33
C PHE A 246 3.18 -8.34 1.08
N GLY A 247 2.55 -9.31 0.42
CA GLY A 247 1.13 -9.26 0.16
C GLY A 247 0.51 -10.65 0.12
N ASN A 248 -0.84 -10.67 0.09
CA ASN A 248 -1.62 -11.91 0.15
C ASN A 248 -2.61 -12.04 -1.01
N ALA A 249 -2.39 -11.34 -2.13
CA ALA A 249 -3.47 -11.11 -3.11
C ALA A 249 -4.08 -12.40 -3.61
N SER A 250 -3.26 -13.40 -3.89
CA SER A 250 -3.71 -14.70 -4.36
C SER A 250 -4.03 -15.67 -3.21
N GLY A 251 -3.97 -15.20 -1.97
CA GLY A 251 -4.04 -16.07 -0.81
C GLY A 251 -2.76 -16.01 0.01
N ALA A 252 -2.87 -16.13 1.33
CA ALA A 252 -1.68 -16.07 2.18
C ALA A 252 -0.74 -17.26 1.90
N VAL A 253 0.55 -17.03 2.05
CA VAL A 253 1.52 -18.12 1.82
C VAL A 253 1.39 -19.14 2.95
N PRO A 254 1.29 -20.43 2.65
CA PRO A 254 1.22 -21.44 3.70
C PRO A 254 2.57 -21.63 4.37
N PRO A 255 2.62 -22.36 5.49
CA PRO A 255 3.89 -22.50 6.21
C PRO A 255 4.99 -23.07 5.33
N VAL A 256 6.21 -22.57 5.53
CA VAL A 256 7.36 -22.93 4.72
C VAL A 256 8.37 -23.63 5.62
N SER A 257 8.90 -24.76 5.18
CA SER A 257 9.98 -25.40 5.94
C SER A 257 11.28 -24.61 5.76
N PRO A 258 11.99 -24.29 6.85
CA PRO A 258 13.30 -23.63 6.67
C PRO A 258 14.25 -24.43 5.78
N LEU A 259 14.24 -25.76 5.89
CA LEU A 259 15.11 -26.56 5.02
C LEU A 259 14.74 -26.39 3.55
N GLU A 260 13.49 -26.03 3.26
CA GLU A 260 13.13 -25.66 1.90
C GLU A 260 13.80 -24.36 1.45
N LEU A 261 13.89 -23.37 2.34
CA LEU A 261 14.62 -22.17 1.99
C LEU A 261 16.11 -22.48 1.81
N SER A 262 16.60 -23.48 2.54
CA SER A 262 17.98 -23.91 2.35
C SER A 262 18.20 -24.47 0.95
N ARG A 263 17.28 -25.35 0.51
CA ARG A 263 17.45 -26.00 -0.78
C ARG A 263 17.31 -25.02 -1.94
N ALA A 264 16.56 -23.92 -1.73
CA ALA A 264 16.47 -22.89 -2.75
C ALA A 264 17.76 -22.09 -2.90
N GLY A 265 18.76 -22.31 -2.04
CA GLY A 265 20.03 -21.63 -2.17
C GLY A 265 20.39 -20.72 -1.01
N SER A 266 20.05 -21.10 0.23
CA SER A 266 20.37 -20.31 1.40
C SER A 266 19.80 -18.90 1.28
N VAL A 267 18.59 -18.81 0.73
CA VAL A 267 17.97 -17.51 0.50
C VAL A 267 17.38 -16.98 1.80
N TYR A 268 17.23 -15.66 1.84
CA TYR A 268 16.50 -15.01 2.94
C TYR A 268 15.03 -14.90 2.60
N LEU A 269 14.19 -15.01 3.64
CA LEU A 269 12.76 -14.75 3.57
C LEU A 269 12.40 -13.62 4.52
N GLN A 270 11.66 -12.63 4.04
CA GLN A 270 11.06 -11.61 4.90
C GLN A 270 9.61 -11.41 4.50
N ARG A 271 8.75 -11.25 5.50
CA ARG A 271 7.34 -10.90 5.28
C ARG A 271 7.13 -9.58 6.00
N PRO A 272 7.47 -8.46 5.38
CA PRO A 272 7.40 -7.18 6.07
C PRO A 272 5.98 -6.64 6.17
N THR A 273 5.81 -5.69 7.09
CA THR A 273 4.59 -4.92 7.23
C THR A 273 4.98 -3.47 7.54
N LEU A 274 4.21 -2.51 7.01
CA LEU A 274 4.64 -1.11 6.97
C LEU A 274 4.97 -0.56 8.35
N GLY A 275 4.20 -0.96 9.37
CA GLY A 275 4.44 -0.46 10.72
C GLY A 275 5.87 -0.61 11.19
N ASN A 276 6.54 -1.69 10.79
CA ASN A 276 7.92 -1.94 11.21
C ASN A 276 8.95 -1.07 10.46
N PHE A 277 8.49 -0.24 9.54
CA PHE A 277 9.34 0.67 8.80
C PHE A 277 8.91 2.12 9.00
N MET A 278 8.05 2.37 9.98
CA MET A 278 7.62 3.70 10.37
C MET A 278 7.73 3.85 11.88
N ARG A 279 8.84 3.38 12.46
CA ARG A 279 8.94 3.11 13.89
C ARG A 279 9.29 4.32 14.71
N THR A 280 9.93 5.32 14.12
CA THR A 280 10.37 6.51 14.83
C THR A 280 9.96 7.71 14.00
N PRO A 281 9.84 8.89 14.62
CA PRO A 281 9.55 10.09 13.82
C PRO A 281 10.60 10.34 12.73
N GLU A 282 11.88 10.09 13.02
CA GLU A 282 12.88 10.34 12.00
C GLU A 282 12.75 9.39 10.82
N GLU A 283 12.48 8.10 11.07
CA GLU A 283 12.29 7.18 9.95
C GLU A 283 11.03 7.54 9.17
N ALA A 284 9.93 7.80 9.89
CA ALA A 284 8.68 8.17 9.25
C ALA A 284 8.84 9.44 8.41
N GLN A 285 9.53 10.44 8.94
CA GLN A 285 9.70 11.68 8.18
C GLN A 285 10.62 11.46 6.99
N ARG A 286 11.65 10.63 7.14
CA ARG A 286 12.54 10.37 6.00
C ARG A 286 11.79 9.72 4.84
N ARG A 287 10.92 8.75 5.13
CA ARG A 287 10.21 8.05 4.06
C ARG A 287 9.19 8.96 3.37
N THR A 288 8.39 9.69 4.16
CA THR A 288 7.37 10.56 3.58
C THR A 288 8.01 11.74 2.85
N SER A 289 9.09 12.30 3.39
CA SER A 289 9.74 13.41 2.70
C SER A 289 10.26 12.98 1.34
N GLU A 290 10.90 11.81 1.27
CA GLU A 290 11.46 11.35 0.01
C GLU A 290 10.36 11.04 -1.00
N VAL A 291 9.31 10.32 -0.57
CA VAL A 291 8.24 9.97 -1.49
C VAL A 291 7.47 11.21 -1.92
N PHE A 292 7.07 12.05 -0.96
CA PHE A 292 6.40 13.31 -1.32
C PHE A 292 7.27 14.13 -2.24
N GLY A 293 8.57 14.19 -1.97
CA GLY A 293 9.47 14.94 -2.84
C GLY A 293 9.52 14.37 -4.24
N TRP A 294 9.54 13.04 -4.38
CA TRP A 294 9.56 12.43 -5.69
C TRP A 294 8.27 12.72 -6.45
N VAL A 295 7.13 12.69 -5.75
CA VAL A 295 5.85 12.98 -6.40
C VAL A 295 5.79 14.43 -6.84
N ALA A 296 6.10 15.37 -5.92
CA ALA A 296 6.01 16.78 -6.23
C ALA A 296 6.96 17.17 -7.36
N SER A 297 8.18 16.64 -7.34
CA SER A 297 9.15 16.89 -8.40
C SER A 297 8.92 16.04 -9.64
N LYS A 298 7.91 15.16 -9.62
CA LYS A 298 7.54 14.35 -10.79
C LYS A 298 8.66 13.39 -11.19
N GLN A 299 9.37 12.86 -10.20
CA GLN A 299 10.30 11.76 -10.47
C GLN A 299 9.63 10.41 -10.32
N VAL A 300 8.57 10.34 -9.53
CA VAL A 300 7.71 9.17 -9.43
C VAL A 300 6.33 9.56 -9.95
N GLN A 301 5.79 8.76 -10.86
CA GLN A 301 4.46 8.97 -11.43
C GLN A 301 3.44 8.12 -10.68
N LEU A 302 2.47 8.78 -10.06
CA LEU A 302 1.33 8.09 -9.46
C LEU A 302 0.28 7.79 -10.52
N THR A 303 -0.46 6.72 -10.30
CA THR A 303 -1.47 6.23 -11.26
C THR A 303 -2.78 6.10 -10.49
N ILE A 304 -3.57 7.18 -10.48
CA ILE A 304 -4.78 7.24 -9.67
C ILE A 304 -5.97 7.02 -10.59
N GLY A 305 -6.78 6.01 -10.25
CA GLY A 305 -7.99 5.74 -11.00
C GLY A 305 -9.18 6.50 -10.46
N ARG A 306 -10.29 5.80 -10.29
CA ARG A 306 -11.54 6.48 -9.93
C ARG A 306 -11.55 6.92 -8.48
N GLU A 307 -12.10 8.12 -8.25
CA GLU A 307 -12.46 8.65 -6.94
C GLU A 307 -13.95 8.39 -6.74
N TYR A 308 -14.29 7.31 -6.04
CA TYR A 308 -15.68 6.96 -5.79
C TYR A 308 -16.28 7.87 -4.73
N PRO A 309 -17.58 8.16 -4.83
CA PRO A 309 -18.28 8.71 -3.67
C PRO A 309 -18.22 7.69 -2.53
N LEU A 310 -18.25 8.20 -1.30
CA LEU A 310 -18.04 7.34 -0.14
C LEU A 310 -19.05 6.20 -0.11
N HIS A 311 -20.30 6.47 -0.48
CA HIS A 311 -21.33 5.44 -0.39
C HIS A 311 -21.16 4.32 -1.40
N GLU A 312 -20.25 4.47 -2.37
CA GLU A 312 -19.93 3.40 -3.32
C GLU A 312 -18.67 2.63 -2.91
N ALA A 313 -18.35 2.63 -1.61
CA ALA A 313 -17.20 1.87 -1.12
C ALA A 313 -17.28 0.41 -1.54
N ALA A 314 -18.48 -0.17 -1.54
CA ALA A 314 -18.63 -1.57 -1.96
C ALA A 314 -18.17 -1.77 -3.39
N GLN A 315 -18.55 -0.87 -4.29
CA GLN A 315 -18.14 -0.98 -5.68
C GLN A 315 -16.63 -0.87 -5.82
N ALA A 316 -16.02 0.06 -5.06
CA ALA A 316 -14.57 0.23 -5.13
C ALA A 316 -13.85 -1.03 -4.68
N LEU A 317 -14.31 -1.66 -3.59
CA LEU A 317 -13.66 -2.90 -3.14
C LEU A 317 -13.89 -4.02 -4.16
N THR A 318 -15.09 -4.06 -4.77
CA THR A 318 -15.33 -5.03 -5.84
C THR A 318 -14.39 -4.81 -7.01
N ASP A 319 -14.28 -3.57 -7.49
CA ASP A 319 -13.38 -3.28 -8.60
C ASP A 319 -11.93 -3.59 -8.24
N LEU A 320 -11.56 -3.38 -6.97
CA LEU A 320 -10.21 -3.68 -6.51
C LEU A 320 -9.88 -5.16 -6.65
N GLN A 321 -10.82 -6.04 -6.34
CA GLN A 321 -10.59 -7.47 -6.42
C GLN A 321 -10.77 -8.04 -7.82
N SER A 322 -11.27 -7.23 -8.77
CA SER A 322 -11.23 -7.62 -10.16
C SER A 322 -9.79 -7.74 -10.64
N ARG A 323 -9.59 -8.52 -11.69
CA ARG A 323 -8.25 -8.61 -12.27
C ARG A 323 -7.91 -7.41 -13.15
N LYS A 324 -8.78 -6.42 -13.21
CA LYS A 324 -8.64 -5.32 -14.17
C LYS A 324 -7.71 -4.24 -13.64
N THR A 325 -7.02 -3.57 -14.57
CA THR A 325 -6.23 -2.40 -14.19
C THR A 325 -7.16 -1.28 -13.79
N THR A 326 -7.02 -0.82 -12.54
CA THR A 326 -7.89 0.22 -12.02
C THR A 326 -7.16 1.49 -11.66
N GLY A 327 -5.84 1.45 -11.48
CA GLY A 327 -5.14 2.56 -10.86
C GLY A 327 -5.46 2.59 -9.38
N LYS A 328 -4.81 3.46 -8.62
CA LYS A 328 -5.13 3.60 -7.21
C LYS A 328 -6.56 4.08 -7.06
N LEU A 329 -7.35 3.36 -6.27
CA LEU A 329 -8.74 3.72 -6.03
C LEU A 329 -8.84 4.58 -4.77
N LEU A 330 -9.63 5.66 -4.85
CA LEU A 330 -9.87 6.54 -3.70
C LEU A 330 -11.36 6.70 -3.45
N LEU A 331 -11.71 7.00 -2.21
CA LEU A 331 -13.07 7.36 -1.85
C LEU A 331 -13.09 8.84 -1.49
N LYS A 332 -14.03 9.57 -2.07
CA LYS A 332 -14.26 10.98 -1.73
C LYS A 332 -15.09 11.03 -0.46
N CYS A 333 -14.51 11.54 0.62
CA CYS A 333 -15.16 11.45 1.91
C CYS A 333 -16.13 12.60 2.20
N ILE A 334 -16.03 13.71 1.47
CA ILE A 334 -16.83 14.91 1.69
C ILE A 334 -17.87 14.98 0.57
N ASP A 335 -19.16 14.95 0.94
CA ASP A 335 -20.25 14.96 -0.04
C ASP A 335 -20.40 16.31 -0.75
#